data_8RV0
#
_entry.id   8RV0
#
_cell.length_a   114.440
_cell.length_b   114.440
_cell.length_c   65.230
_cell.angle_alpha   90.00
_cell.angle_beta   90.00
_cell.angle_gamma   120.00
#
_symmetry.space_group_name_H-M   'P 63'
#
loop_
_entity.id
_entity.type
_entity.pdbx_description
1 polymer 'Octaheme cytochrome c nitrite reductase'
2 non-polymer 'HEME C'
3 non-polymer 'NITRIC OXIDE'
4 non-polymer 'NITRITE ION'
5 non-polymer 'CALCIUM ION'
6 water water
#
_entity_poly.entity_id   1
_entity_poly.type   'polypeptide(L)'
_entity_poly.pdbx_seq_one_letter_code
;GRETCYACHTEVKSLKENSKHAAIACTVCHDKTKEHLEKGPDVKPVTKIDQAVCGSCHKNQYESFYAVHHDPTGARKEKG
IPAGRSPLQDKLLAGHGFTFEHAEPRGHAYMVVDQFAVDRFQGGRYQFKGGWKNYDKVGKTWDILEDRGPNAKLPETAMA
GNPTCIQCKSSDLILQWKHLGEKGGKFDRTSNVNDVVKAINNPVGCIHCHDPHGAQPRIVRDGLIAAIEKDPAKNIFAKN
GKTDLKVIDFRGFRKIGVMEKTDSRMMCAQCHVEYNCNPGTQRTDGKPVTFADARTNHFPLKNSLQLLEHYRSIDFFDFK
HAVTGAKLIKFQHPEAETYAGSAHDKAGVQCHQCHMPQVKGKDGKKYSTHGVVKPIQMVQESCISCHKDYTPNKAKFMIE
TIRNYTKGKMRKSEYWLAQLIDTFAVAQREGVSPTILDQARLKHEEAHALWEYWTAENSDGFHNPEQARQSLTGSISASK
AGVKLLNDAIMAVKQ
;
_entity_poly.pdbx_strand_id   Y
#
loop_
_chem_comp.id
_chem_comp.type
_chem_comp.name
_chem_comp.formula
CA non-polymer 'CALCIUM ION' 'Ca 2'
HEC non-polymer 'HEME C' 'C34 H34 Fe N4 O4'
NO non-polymer 'NITRIC OXIDE' 'N O'
NO2 non-polymer 'NITRITE ION' 'N O2 -1'
#
# COMPACT_ATOMS: atom_id res chain seq x y z
N GLY A 1 7.52 -27.21 -28.98
CA GLY A 1 8.78 -26.43 -29.36
C GLY A 1 9.48 -25.72 -28.19
N ARG A 2 9.03 -26.00 -26.93
CA ARG A 2 9.52 -25.20 -25.81
C ARG A 2 11.04 -25.31 -25.67
N GLU A 3 11.58 -26.50 -26.00
CA GLU A 3 13.03 -26.71 -25.98
C GLU A 3 13.80 -25.64 -26.79
N THR A 4 13.28 -25.23 -27.95
CA THR A 4 13.92 -24.18 -28.72
C THR A 4 13.96 -22.88 -27.91
N CYS A 5 12.77 -22.45 -27.40
CA CYS A 5 12.69 -21.33 -26.47
C CYS A 5 13.70 -21.53 -25.33
N TYR A 6 13.64 -22.75 -24.75
CA TYR A 6 14.40 -22.94 -23.52
C TYR A 6 15.90 -22.73 -23.80
N ALA A 7 16.36 -23.00 -25.04
CA ALA A 7 17.79 -22.81 -25.30
C ALA A 7 18.22 -21.40 -24.87
N CYS A 8 17.27 -20.47 -24.88
CA CYS A 8 17.69 -19.11 -24.65
C CYS A 8 17.06 -18.55 -23.37
N HIS A 9 16.08 -19.22 -22.78
CA HIS A 9 15.37 -18.65 -21.64
C HIS A 9 15.41 -19.66 -20.51
N THR A 10 16.56 -19.70 -19.78
CA THR A 10 16.82 -20.91 -18.96
C THR A 10 16.10 -20.85 -17.62
N GLU A 11 15.88 -19.64 -17.07
CA GLU A 11 15.12 -19.45 -15.84
C GLU A 11 13.67 -19.90 -15.94
N VAL A 12 13.04 -19.58 -17.09
CA VAL A 12 11.70 -20.04 -17.39
C VAL A 12 11.66 -21.56 -17.34
N LYS A 13 12.57 -22.25 -18.11
CA LYS A 13 12.65 -23.70 -18.02
C LYS A 13 12.64 -24.14 -16.53
N SER A 14 13.49 -23.52 -15.70
CA SER A 14 13.59 -23.89 -14.27
C SER A 14 12.29 -23.69 -13.51
N LEU A 15 11.60 -22.57 -13.72
CA LEU A 15 10.28 -22.45 -13.09
C LEU A 15 9.25 -23.41 -13.64
N LYS A 16 9.23 -23.68 -14.99
CA LYS A 16 8.09 -24.33 -15.61
C LYS A 16 8.16 -25.87 -15.62
N GLU A 17 9.33 -26.47 -15.91
CA GLU A 17 9.32 -27.94 -16.06
C GLU A 17 8.99 -28.60 -14.71
N ASN A 18 8.19 -29.69 -14.76
CA ASN A 18 7.74 -30.55 -13.67
C ASN A 18 6.83 -29.81 -12.67
N SER A 19 6.27 -28.67 -13.09
CA SER A 19 5.43 -27.82 -12.28
C SER A 19 3.97 -28.11 -12.60
N LYS A 20 2.99 -27.44 -11.91
CA LYS A 20 1.55 -27.57 -12.08
C LYS A 20 1.03 -27.12 -13.46
N HIS A 21 1.78 -26.28 -14.08
CA HIS A 21 1.46 -25.68 -15.36
C HIS A 21 2.41 -26.24 -16.43
N ALA A 22 3.04 -27.42 -16.18
CA ALA A 22 4.09 -27.86 -17.11
C ALA A 22 3.57 -27.95 -18.56
N ALA A 23 2.39 -28.52 -18.73
CA ALA A 23 1.82 -28.82 -20.04
C ALA A 23 1.33 -27.62 -20.83
N ILE A 24 1.03 -26.49 -20.17
CA ILE A 24 0.63 -25.27 -20.87
C ILE A 24 1.62 -24.87 -21.97
N ALA A 25 1.09 -24.80 -23.18
CA ALA A 25 1.90 -24.32 -24.29
C ALA A 25 2.14 -22.82 -24.14
N CYS A 26 3.32 -22.43 -24.63
CA CYS A 26 3.81 -21.06 -24.52
C CYS A 26 2.88 -20.07 -25.22
N THR A 27 2.25 -20.53 -26.32
CA THR A 27 1.53 -19.61 -27.15
C THR A 27 0.23 -19.25 -26.42
N VAL A 28 -0.09 -19.95 -25.31
CA VAL A 28 -1.26 -19.62 -24.50
C VAL A 28 -1.15 -18.21 -23.97
N CYS A 29 0.04 -17.75 -23.64
CA CYS A 29 0.27 -16.53 -22.88
C CYS A 29 1.09 -15.57 -23.75
N HIS A 30 1.71 -16.09 -24.82
CA HIS A 30 2.61 -15.22 -25.56
C HIS A 30 2.23 -15.26 -27.06
N ASP A 31 2.14 -14.10 -27.71
CA ASP A 31 1.70 -14.13 -29.10
C ASP A 31 2.93 -13.75 -29.91
N LYS A 32 2.97 -13.99 -31.23
CA LYS A 32 4.09 -13.49 -32.07
C LYS A 32 5.39 -14.27 -31.84
N THR A 33 5.25 -15.51 -31.34
CA THR A 33 6.44 -16.27 -31.00
C THR A 33 7.13 -16.70 -32.30
N LYS A 34 6.36 -17.10 -33.33
CA LYS A 34 6.99 -17.43 -34.61
C LYS A 34 7.82 -16.22 -35.10
N GLU A 35 7.27 -15.00 -35.15
CA GLU A 35 8.12 -13.90 -35.57
C GLU A 35 9.42 -13.74 -34.74
N HIS A 36 9.32 -14.02 -33.43
CA HIS A 36 10.43 -13.98 -32.53
C HIS A 36 11.52 -14.98 -32.91
N LEU A 37 11.12 -16.20 -33.30
CA LEU A 37 12.10 -17.22 -33.73
C LEU A 37 12.75 -16.75 -35.05
N GLU A 38 11.88 -16.60 -36.09
CA GLU A 38 12.18 -16.28 -37.51
C GLU A 38 12.99 -14.98 -37.65
N LYS A 39 12.44 -13.88 -37.16
CA LYS A 39 13.09 -12.60 -37.28
C LYS A 39 14.16 -12.41 -36.20
N GLY A 40 14.12 -13.21 -35.13
CA GLY A 40 15.12 -13.11 -34.08
C GLY A 40 14.65 -12.30 -32.86
N PRO A 41 15.58 -11.83 -31.99
CA PRO A 41 15.24 -11.29 -30.68
C PRO A 41 15.21 -9.76 -30.69
N ASP A 42 14.99 -9.23 -31.89
CA ASP A 42 14.60 -7.84 -32.08
C ASP A 42 13.07 -7.83 -31.98
N VAL A 43 12.41 -8.70 -32.71
CA VAL A 43 10.97 -8.84 -32.57
C VAL A 43 10.61 -9.60 -31.28
N LYS A 44 10.34 -8.82 -30.21
CA LYS A 44 9.89 -9.36 -28.94
C LYS A 44 8.49 -9.92 -29.10
N PRO A 45 8.17 -11.06 -28.47
CA PRO A 45 6.81 -11.55 -28.46
C PRO A 45 6.01 -10.53 -27.65
N VAL A 46 4.71 -10.69 -27.72
CA VAL A 46 3.78 -9.86 -26.97
C VAL A 46 3.28 -10.72 -25.80
N THR A 47 3.34 -10.11 -24.60
CA THR A 47 2.89 -10.76 -23.39
C THR A 47 1.68 -9.97 -22.87
N LYS A 48 0.45 -10.38 -23.20
CA LYS A 48 -0.61 -9.50 -22.70
C LYS A 48 -0.88 -9.83 -21.23
N ILE A 49 -0.67 -8.83 -20.36
CA ILE A 49 -0.87 -9.14 -18.96
C ILE A 49 -2.38 -9.14 -18.74
N ASP A 50 -2.94 -10.27 -18.30
CA ASP A 50 -4.39 -10.37 -18.34
C ASP A 50 -4.99 -11.55 -17.59
N GLN A 51 -5.85 -11.18 -16.60
CA GLN A 51 -6.52 -12.08 -15.69
C GLN A 51 -7.33 -13.12 -16.44
N ALA A 52 -7.89 -12.72 -17.57
CA ALA A 52 -8.89 -13.59 -18.15
C ALA A 52 -8.30 -14.90 -18.73
N VAL A 53 -7.01 -14.85 -19.07
CA VAL A 53 -6.26 -16.05 -19.46
C VAL A 53 -6.10 -17.02 -18.28
N CYS A 54 -5.73 -16.52 -17.09
CA CYS A 54 -5.79 -17.44 -15.95
C CYS A 54 -7.20 -17.91 -15.67
N GLY A 55 -8.18 -16.98 -15.83
CA GLY A 55 -9.55 -17.36 -15.56
C GLY A 55 -10.03 -18.54 -16.37
N SER A 56 -9.44 -18.72 -17.57
CA SER A 56 -9.95 -19.77 -18.45
C SER A 56 -9.75 -21.11 -17.73
N CYS A 57 -8.76 -21.20 -16.83
CA CYS A 57 -8.62 -22.50 -16.18
C CYS A 57 -8.85 -22.39 -14.68
N HIS A 58 -9.03 -21.16 -14.22
CA HIS A 58 -9.17 -20.92 -12.79
C HIS A 58 -10.38 -20.01 -12.57
N LYS A 59 -11.57 -20.54 -12.85
CA LYS A 59 -12.64 -19.60 -13.04
C LYS A 59 -13.11 -19.03 -11.69
N ASN A 60 -12.99 -19.78 -10.60
CA ASN A 60 -13.57 -19.34 -9.33
C ASN A 60 -12.76 -18.21 -8.73
N GLN A 61 -11.43 -18.30 -8.88
CA GLN A 61 -10.51 -17.24 -8.49
C GLN A 61 -10.79 -15.98 -9.32
N TYR A 62 -10.95 -16.14 -10.65
CA TYR A 62 -11.25 -15.02 -11.51
C TYR A 62 -12.65 -14.49 -11.19
N GLU A 63 -13.66 -15.34 -11.02
CA GLU A 63 -14.98 -14.74 -10.89
C GLU A 63 -15.10 -13.96 -9.57
N SER A 64 -14.40 -14.46 -8.54
CA SER A 64 -14.61 -13.88 -7.23
C SER A 64 -13.86 -12.55 -7.13
N PHE A 65 -12.74 -12.41 -7.87
CA PHE A 65 -11.98 -11.15 -7.92
C PHE A 65 -12.84 -10.07 -8.60
N TYR A 66 -13.52 -10.43 -9.69
CA TYR A 66 -14.32 -9.47 -10.46
C TYR A 66 -15.76 -9.28 -9.97
N ALA A 67 -16.26 -10.10 -9.06
CA ALA A 67 -17.68 -10.07 -8.70
C ALA A 67 -18.01 -8.67 -8.16
N VAL A 68 -19.20 -8.19 -8.52
CA VAL A 68 -19.49 -6.84 -8.09
C VAL A 68 -20.35 -6.92 -6.84
N HIS A 69 -19.92 -6.28 -5.75
CA HIS A 69 -20.81 -6.28 -4.60
C HIS A 69 -21.14 -4.82 -4.31
N HIS A 70 -22.27 -4.56 -3.66
CA HIS A 70 -22.64 -3.17 -3.35
C HIS A 70 -22.86 -3.00 -1.86
N ASP A 71 -21.90 -2.36 -1.22
CA ASP A 71 -22.03 -2.09 0.22
C ASP A 71 -23.12 -1.02 0.42
N PRO A 72 -24.21 -1.26 1.17
CA PRO A 72 -25.33 -0.30 1.24
C PRO A 72 -24.99 0.98 2.00
N THR A 73 -23.79 1.04 2.61
CA THR A 73 -23.35 2.32 3.22
C THR A 73 -22.54 3.10 2.19
N GLY A 74 -22.37 2.61 0.96
CA GLY A 74 -21.63 3.29 -0.09
C GLY A 74 -20.11 3.13 0.02
N ALA A 75 -19.45 3.77 -0.92
CA ALA A 75 -17.97 3.86 -0.97
C ALA A 75 -17.60 5.34 -1.03
N ARG A 76 -16.38 5.67 -1.48
CA ARG A 76 -15.85 7.01 -1.49
C ARG A 76 -16.00 7.65 -0.11
N LYS A 77 -15.73 6.84 0.95
CA LYS A 77 -15.91 7.33 2.32
C LYS A 77 -14.69 8.16 2.73
N GLU A 78 -14.85 9.47 2.70
CA GLU A 78 -13.81 10.39 3.17
C GLU A 78 -13.48 10.10 4.64
N LYS A 79 -12.19 10.08 4.99
CA LYS A 79 -11.79 9.75 6.34
C LYS A 79 -11.97 10.90 7.32
N GLY A 80 -11.85 12.12 6.76
CA GLY A 80 -11.73 13.38 7.49
C GLY A 80 -13.09 13.98 7.79
N ILE A 81 -14.03 13.16 8.32
CA ILE A 81 -15.34 13.63 8.77
C ILE A 81 -15.52 13.26 10.24
N PRO A 82 -16.41 13.93 10.99
CA PRO A 82 -16.44 13.75 12.44
C PRO A 82 -16.61 12.31 12.90
N ALA A 83 -17.45 11.56 12.15
CA ALA A 83 -17.63 10.17 12.53
C ALA A 83 -16.71 9.20 11.77
N GLY A 84 -15.67 9.69 11.06
CA GLY A 84 -14.88 8.84 10.20
C GLY A 84 -13.63 8.36 10.93
N ARG A 85 -12.74 7.75 10.15
CA ARG A 85 -11.57 7.06 10.71
C ARG A 85 -10.48 8.04 11.08
N SER A 86 -10.59 9.29 10.60
CA SER A 86 -9.54 10.29 10.86
C SER A 86 -10.11 11.71 10.96
N PRO A 87 -10.88 11.98 12.05
CA PRO A 87 -11.75 13.15 12.10
C PRO A 87 -11.01 14.47 12.13
N LEU A 88 -9.73 14.42 12.52
CA LEU A 88 -8.95 15.68 12.63
C LEU A 88 -7.89 15.71 11.54
N GLN A 89 -8.12 14.94 10.45
CA GLN A 89 -7.20 14.87 9.31
C GLN A 89 -6.86 16.24 8.71
N ASP A 90 -7.88 17.10 8.47
CA ASP A 90 -7.58 18.36 7.81
C ASP A 90 -6.62 19.16 8.70
N LYS A 91 -6.79 19.16 10.04
CA LYS A 91 -5.89 19.97 10.88
C LYS A 91 -4.52 19.29 10.95
N LEU A 92 -4.53 17.94 11.11
CA LEU A 92 -3.26 17.35 11.53
C LEU A 92 -2.33 17.09 10.34
N LEU A 93 -2.91 16.96 9.15
CA LEU A 93 -2.13 16.79 7.91
C LEU A 93 -2.04 18.06 7.08
N ALA A 94 -2.41 19.23 7.68
CA ALA A 94 -2.32 20.55 7.00
C ALA A 94 -0.95 20.67 6.32
N GLY A 95 -0.99 20.99 5.01
CA GLY A 95 0.24 20.99 4.22
C GLY A 95 0.52 19.76 3.37
N HIS A 96 -0.34 18.74 3.43
CA HIS A 96 -0.13 17.50 2.68
C HIS A 96 -1.26 17.33 1.66
N GLY A 97 -0.99 16.70 0.53
CA GLY A 97 -2.00 16.51 -0.49
C GLY A 97 -3.16 15.61 -0.02
N PHE A 98 -2.99 14.85 1.11
CA PHE A 98 -4.12 14.02 1.54
C PHE A 98 -5.32 14.88 1.94
N THR A 99 -5.10 16.14 2.31
CA THR A 99 -6.19 16.99 2.77
C THR A 99 -7.15 17.29 1.60
N PHE A 100 -6.78 16.97 0.35
CA PHE A 100 -7.66 17.25 -0.77
C PHE A 100 -8.73 16.15 -0.96
N GLU A 101 -8.38 14.94 -0.61
CA GLU A 101 -9.30 13.79 -0.60
C GLU A 101 -8.54 12.54 -0.17
N HIS A 102 -9.05 11.83 0.85
CA HIS A 102 -8.50 10.53 1.26
C HIS A 102 -9.68 9.71 1.78
N ALA A 103 -10.02 8.64 1.04
CA ALA A 103 -11.20 7.85 1.40
C ALA A 103 -10.72 6.48 1.86
N GLU A 104 -11.64 5.74 2.50
CA GLU A 104 -11.38 4.37 2.89
C GLU A 104 -11.20 3.49 1.66
N PRO A 105 -10.50 2.35 1.77
CA PRO A 105 -10.31 1.47 0.60
C PRO A 105 -11.62 0.79 0.29
N ARG A 106 -11.73 0.35 -0.98
CA ARG A 106 -12.80 -0.56 -1.45
C ARG A 106 -12.19 -1.76 -2.19
N GLY A 107 -13.01 -2.51 -2.98
CA GLY A 107 -12.54 -3.75 -3.58
C GLY A 107 -11.34 -3.60 -4.53
N HIS A 108 -10.55 -4.69 -4.65
CA HIS A 108 -9.35 -4.77 -5.50
C HIS A 108 -9.58 -4.40 -6.98
N ALA A 109 -10.75 -4.76 -7.48
CA ALA A 109 -11.05 -4.58 -8.89
C ALA A 109 -11.15 -3.08 -9.22
N TYR A 110 -11.32 -2.27 -8.16
CA TYR A 110 -11.42 -0.80 -8.40
C TYR A 110 -10.11 -0.06 -8.27
N MET A 111 -9.00 -0.78 -8.05
CA MET A 111 -7.84 -0.02 -7.52
C MET A 111 -7.26 0.99 -8.54
N VAL A 112 -7.26 0.66 -9.86
CA VAL A 112 -6.65 1.59 -10.77
C VAL A 112 -7.55 2.81 -10.92
N VAL A 113 -8.83 2.52 -11.12
CA VAL A 113 -9.77 3.59 -11.42
C VAL A 113 -9.82 4.56 -10.23
N ASP A 114 -9.71 4.03 -8.97
CA ASP A 114 -9.79 4.91 -7.83
C ASP A 114 -8.51 5.68 -7.66
N GLN A 115 -7.39 5.02 -7.97
CA GLN A 115 -6.15 5.82 -7.94
C GLN A 115 -6.25 7.01 -8.92
N PHE A 116 -6.75 6.76 -10.15
CA PHE A 116 -6.67 7.80 -11.19
C PHE A 116 -7.70 8.92 -10.99
N ALA A 117 -8.81 8.60 -10.30
CA ALA A 117 -9.95 9.52 -10.23
C ALA A 117 -9.93 10.31 -8.91
N VAL A 118 -9.12 9.90 -7.93
CA VAL A 118 -9.20 10.57 -6.63
C VAL A 118 -8.77 12.03 -6.84
N ASP A 119 -9.33 12.93 -6.00
CA ASP A 119 -9.13 14.39 -6.16
C ASP A 119 -7.66 14.77 -6.01
N ARG A 120 -6.83 13.95 -5.35
CA ARG A 120 -5.44 14.31 -5.12
C ARG A 120 -4.52 13.84 -6.24
N PHE A 121 -5.02 13.11 -7.25
CA PHE A 121 -4.13 12.42 -8.21
C PHE A 121 -3.54 13.35 -9.30
N GLN A 122 -4.42 13.98 -10.07
CA GLN A 122 -3.96 14.70 -11.26
C GLN A 122 -5.03 15.77 -11.57
N GLY A 123 -5.37 16.59 -10.57
CA GLY A 123 -6.11 17.81 -10.74
C GLY A 123 -7.54 17.56 -11.25
N GLY A 124 -8.04 16.33 -11.04
CA GLY A 124 -9.40 16.03 -11.48
C GLY A 124 -9.43 15.64 -12.95
N ARG A 125 -8.26 15.43 -13.60
CA ARG A 125 -8.23 15.17 -15.05
C ARG A 125 -9.05 13.93 -15.41
N TYR A 126 -8.96 12.85 -14.58
CA TYR A 126 -9.56 11.59 -14.98
C TYR A 126 -10.87 11.41 -14.20
N GLN A 127 -11.97 11.07 -14.91
CA GLN A 127 -13.27 10.96 -14.26
C GLN A 127 -13.98 9.67 -14.76
N PHE A 128 -14.98 9.19 -14.01
CA PHE A 128 -15.74 8.02 -14.49
C PHE A 128 -16.64 8.43 -15.65
N LYS A 129 -16.60 7.62 -16.72
CA LYS A 129 -17.45 7.88 -17.88
C LYS A 129 -18.92 7.68 -17.47
N GLY A 130 -19.78 8.65 -17.80
CA GLY A 130 -21.16 8.51 -17.37
C GLY A 130 -21.39 8.90 -15.89
N GLY A 131 -20.33 9.30 -15.17
CA GLY A 131 -20.48 9.80 -13.79
C GLY A 131 -20.83 8.71 -12.76
N TRP A 132 -21.50 9.14 -11.69
CA TRP A 132 -21.71 8.33 -10.49
C TRP A 132 -22.41 7.03 -10.80
N LYS A 133 -23.29 7.07 -11.78
CA LYS A 133 -24.05 5.85 -12.03
C LYS A 133 -23.18 4.69 -12.50
N ASN A 134 -21.92 4.94 -12.92
CA ASN A 134 -21.03 3.88 -13.31
C ASN A 134 -19.86 3.68 -12.30
N TYR A 135 -19.91 4.28 -11.09
CA TYR A 135 -18.90 4.12 -10.07
C TYR A 135 -18.64 2.69 -9.64
N ASP A 136 -19.61 1.78 -9.86
CA ASP A 136 -19.45 0.39 -9.47
C ASP A 136 -18.92 -0.46 -10.63
N LYS A 137 -18.60 0.14 -11.79
CA LYS A 137 -18.24 -0.77 -12.91
C LYS A 137 -16.83 -1.35 -12.74
N VAL A 138 -16.63 -2.63 -13.10
CA VAL A 138 -15.28 -3.18 -13.07
C VAL A 138 -14.86 -3.45 -14.50
N GLY A 139 -13.59 -3.86 -14.62
CA GLY A 139 -13.00 -4.26 -15.89
C GLY A 139 -11.86 -3.31 -16.23
N LYS A 140 -11.83 -2.96 -17.51
CA LYS A 140 -10.71 -2.25 -18.10
C LYS A 140 -10.79 -0.77 -17.78
N THR A 141 -9.64 -0.18 -17.46
CA THR A 141 -9.55 1.16 -16.88
C THR A 141 -10.27 2.15 -17.83
N TRP A 142 -9.90 2.00 -19.09
CA TRP A 142 -10.27 3.07 -20.05
C TRP A 142 -11.63 2.80 -20.67
N ASP A 143 -12.25 1.68 -20.30
CA ASP A 143 -13.68 1.51 -20.51
C ASP A 143 -14.45 2.22 -19.40
N ILE A 144 -13.81 2.40 -18.24
CA ILE A 144 -14.50 2.99 -17.11
C ILE A 144 -14.18 4.48 -16.93
N LEU A 145 -12.97 4.89 -17.18
CA LEU A 145 -12.62 6.32 -17.00
C LEU A 145 -12.50 7.00 -18.35
N GLU A 146 -12.64 8.34 -18.28
CA GLU A 146 -12.31 9.20 -19.40
C GLU A 146 -11.28 10.24 -18.97
N ASP A 147 -10.59 10.74 -19.99
CA ASP A 147 -9.50 11.68 -19.81
C ASP A 147 -9.94 13.09 -20.22
N ARG A 148 -10.18 13.97 -19.27
CA ARG A 148 -10.72 15.25 -19.67
C ARG A 148 -9.62 16.09 -20.30
N GLY A 149 -8.39 15.59 -20.35
CA GLY A 149 -7.32 16.34 -20.99
C GLY A 149 -6.41 17.14 -20.05
N PRO A 150 -5.23 17.57 -20.56
CA PRO A 150 -4.19 18.17 -19.71
C PRO A 150 -4.50 19.59 -19.28
N ASN A 151 -5.51 20.21 -19.89
CA ASN A 151 -5.59 21.62 -19.55
C ASN A 151 -6.85 21.88 -18.74
N ALA A 152 -7.66 20.84 -18.54
CA ALA A 152 -8.86 20.98 -17.72
C ALA A 152 -8.50 21.20 -16.25
N LYS A 153 -9.28 21.96 -15.53
CA LYS A 153 -8.93 22.12 -14.13
C LYS A 153 -10.18 21.84 -13.30
N LEU A 154 -9.97 21.25 -12.14
CA LEU A 154 -11.09 21.09 -11.23
C LEU A 154 -10.65 21.68 -9.90
N PRO A 155 -11.49 22.54 -9.26
CA PRO A 155 -11.14 23.18 -7.99
C PRO A 155 -10.87 22.21 -6.84
N GLU A 156 -9.91 22.59 -5.98
CA GLU A 156 -9.59 21.86 -4.77
C GLU A 156 -9.21 20.41 -5.12
N THR A 157 -8.23 20.31 -6.02
CA THR A 157 -7.56 19.06 -6.36
C THR A 157 -6.08 19.21 -6.04
N ALA A 158 -5.33 18.12 -6.23
CA ALA A 158 -3.89 18.09 -6.14
C ALA A 158 -3.31 17.24 -7.26
N MET A 159 -1.97 17.23 -7.34
CA MET A 159 -1.26 16.58 -8.47
C MET A 159 -0.15 15.68 -7.90
N ALA A 160 -0.55 14.84 -6.96
CA ALA A 160 0.40 13.92 -6.33
C ALA A 160 0.70 12.66 -7.16
N GLY A 161 -0.08 12.34 -8.20
CA GLY A 161 0.18 11.11 -8.93
C GLY A 161 1.57 11.12 -9.60
N ASN A 162 2.21 9.95 -9.51
CA ASN A 162 3.46 9.71 -10.25
C ASN A 162 3.54 8.25 -10.66
N PRO A 163 4.53 7.87 -11.52
CA PRO A 163 4.57 6.51 -12.02
C PRO A 163 4.69 5.43 -10.93
N THR A 164 5.40 5.74 -9.85
CA THR A 164 5.70 4.75 -8.82
C THR A 164 4.39 4.31 -8.14
N CYS A 165 3.41 5.20 -8.07
CA CYS A 165 2.07 4.84 -7.59
C CYS A 165 1.46 3.60 -8.27
N ILE A 166 1.65 3.49 -9.59
CA ILE A 166 1.07 2.42 -10.41
C ILE A 166 1.55 1.02 -9.98
N GLN A 167 2.73 0.93 -9.36
CA GLN A 167 3.41 -0.30 -9.01
C GLN A 167 2.63 -0.98 -7.87
N CYS A 168 1.72 -0.23 -7.21
CA CYS A 168 0.87 -0.91 -6.23
C CYS A 168 -0.58 -0.94 -6.72
N LYS A 169 -0.79 -0.82 -8.05
CA LYS A 169 -2.15 -0.86 -8.55
C LYS A 169 -2.38 -1.86 -9.68
N SER A 170 -1.29 -2.31 -10.31
CA SER A 170 -1.41 -3.18 -11.46
C SER A 170 -0.10 -3.93 -11.68
N SER A 171 -0.21 -5.04 -12.41
CA SER A 171 0.91 -5.89 -12.84
C SER A 171 1.16 -5.58 -14.33
N ASP A 172 0.36 -4.66 -14.91
CA ASP A 172 0.52 -4.35 -16.32
C ASP A 172 1.90 -3.88 -16.81
N LEU A 173 2.78 -3.27 -15.98
CA LEU A 173 4.12 -2.85 -16.39
C LEU A 173 5.26 -3.81 -15.97
N ILE A 174 4.94 -5.07 -15.67
CA ILE A 174 5.92 -6.06 -15.18
C ILE A 174 7.12 -6.17 -16.14
N LEU A 175 6.86 -6.15 -17.47
CA LEU A 175 7.97 -6.19 -18.43
C LEU A 175 8.43 -4.82 -18.91
N GLN A 176 7.96 -3.72 -18.31
CA GLN A 176 8.16 -2.45 -18.97
C GLN A 176 8.74 -1.43 -18.01
N TRP A 177 9.25 -1.93 -16.88
CA TRP A 177 9.74 -1.13 -15.76
C TRP A 177 10.96 -1.88 -15.18
N LYS A 178 12.06 -1.16 -15.19
CA LYS A 178 13.32 -1.69 -14.70
C LYS A 178 13.22 -1.63 -13.18
N HIS A 179 13.80 -2.62 -12.52
CA HIS A 179 13.87 -2.64 -11.06
C HIS A 179 14.05 -1.25 -10.46
N LEU A 180 13.14 -0.93 -9.52
CA LEU A 180 13.09 0.31 -8.74
C LEU A 180 12.58 1.49 -9.56
N GLY A 181 12.30 1.27 -10.86
CA GLY A 181 11.97 2.42 -11.70
C GLY A 181 13.22 3.18 -12.11
N GLU A 182 14.37 2.45 -12.11
CA GLU A 182 15.54 3.15 -12.62
C GLU A 182 15.33 3.29 -14.12
N LYS A 183 16.04 4.27 -14.76
CA LYS A 183 15.90 4.52 -16.19
C LYS A 183 16.33 3.28 -16.95
N GLY A 184 15.60 2.95 -18.03
CA GLY A 184 15.97 1.91 -18.97
C GLY A 184 14.77 1.15 -19.53
N GLY A 185 13.64 1.13 -18.81
CA GLY A 185 12.44 0.52 -19.34
C GLY A 185 11.61 1.55 -20.13
N LYS A 186 10.46 1.12 -20.65
CA LYS A 186 9.59 2.09 -21.31
C LYS A 186 9.23 3.22 -20.36
N PHE A 187 8.95 2.88 -19.08
CA PHE A 187 8.64 3.90 -18.06
C PHE A 187 9.59 3.84 -16.86
N ASP A 188 9.88 4.96 -16.20
CA ASP A 188 10.59 4.88 -14.94
C ASP A 188 10.05 5.99 -14.05
N ARG A 189 10.79 6.30 -12.95
CA ARG A 189 10.22 7.11 -11.86
C ARG A 189 9.99 8.53 -12.36
N THR A 190 10.83 8.94 -13.31
CA THR A 190 10.81 10.30 -13.80
C THR A 190 9.85 10.42 -14.99
N SER A 191 9.25 9.32 -15.45
CA SER A 191 8.25 9.47 -16.54
C SER A 191 7.12 10.44 -16.17
N ASN A 192 6.50 11.03 -17.20
CA ASN A 192 5.29 11.81 -16.99
C ASN A 192 4.19 10.85 -16.63
N VAL A 193 3.54 11.08 -15.49
CA VAL A 193 2.50 10.13 -15.07
C VAL A 193 1.39 10.03 -16.14
N ASN A 194 1.14 11.06 -16.93
CA ASN A 194 0.04 10.95 -17.85
C ASN A 194 0.41 10.12 -19.08
N ASP A 195 1.71 9.97 -19.39
CA ASP A 195 2.07 8.90 -20.34
C ASP A 195 1.83 7.49 -19.77
N VAL A 196 2.08 7.33 -18.47
CA VAL A 196 1.99 5.99 -17.89
C VAL A 196 0.55 5.45 -17.79
N VAL A 197 -0.45 6.31 -17.40
CA VAL A 197 -1.77 5.80 -17.05
C VAL A 197 -2.42 5.17 -18.27
N LYS A 198 -2.01 5.63 -19.47
CA LYS A 198 -2.59 5.12 -20.70
C LYS A 198 -2.30 3.61 -20.85
N ALA A 199 -1.19 3.12 -20.30
CA ALA A 199 -0.82 1.71 -20.44
C ALA A 199 -1.43 0.80 -19.36
N ILE A 200 -2.15 1.37 -18.39
CA ILE A 200 -2.72 0.50 -17.33
C ILE A 200 -4.17 0.13 -17.60
N ASN A 201 -4.38 -1.08 -18.06
CA ASN A 201 -5.74 -1.44 -18.36
C ASN A 201 -6.38 -2.22 -17.23
N ASN A 202 -5.55 -2.81 -16.37
CA ASN A 202 -6.09 -3.79 -15.47
C ASN A 202 -5.59 -3.58 -14.03
N PRO A 203 -6.43 -3.89 -13.01
CA PRO A 203 -5.93 -3.88 -11.62
C PRO A 203 -4.91 -5.01 -11.39
N VAL A 204 -4.51 -5.17 -10.11
CA VAL A 204 -3.50 -6.17 -9.74
C VAL A 204 -3.73 -7.43 -10.55
N GLY A 205 -2.64 -7.90 -11.19
CA GLY A 205 -2.81 -9.13 -11.95
C GLY A 205 -2.69 -10.42 -11.13
N CYS A 206 -3.20 -11.51 -11.71
CA CYS A 206 -3.05 -12.83 -11.07
C CYS A 206 -1.58 -13.16 -10.86
N ILE A 207 -0.74 -12.63 -11.77
CA ILE A 207 0.69 -12.87 -11.75
C ILE A 207 1.39 -12.10 -10.65
N HIS A 208 0.65 -11.22 -9.95
CA HIS A 208 1.30 -10.44 -8.93
C HIS A 208 1.74 -11.37 -7.79
N CYS A 209 1.06 -12.47 -7.61
CA CYS A 209 1.31 -13.30 -6.43
C CYS A 209 1.56 -14.75 -6.89
N HIS A 210 1.36 -15.07 -8.20
CA HIS A 210 1.45 -16.45 -8.67
C HIS A 210 2.32 -16.51 -9.92
N ASP A 211 3.42 -17.32 -9.89
CA ASP A 211 4.25 -17.35 -11.10
C ASP A 211 3.51 -17.96 -12.29
N PRO A 212 3.45 -17.30 -13.48
CA PRO A 212 2.70 -17.83 -14.63
C PRO A 212 3.38 -19.10 -15.21
N HIS A 213 4.71 -19.15 -15.15
CA HIS A 213 5.49 -20.27 -15.73
C HIS A 213 5.30 -21.59 -14.96
N GLY A 214 5.42 -21.51 -13.62
CA GLY A 214 5.23 -22.73 -12.83
C GLY A 214 4.24 -22.66 -11.67
N ALA A 215 3.41 -21.58 -11.57
CA ALA A 215 2.36 -21.46 -10.53
C ALA A 215 2.90 -21.34 -9.08
N GLN A 216 4.19 -21.05 -8.91
CA GLN A 216 4.84 -20.87 -7.62
C GLN A 216 4.39 -19.57 -6.93
N PRO A 217 4.30 -19.57 -5.57
CA PRO A 217 3.78 -18.40 -4.88
C PRO A 217 4.92 -17.40 -4.99
N ARG A 218 4.57 -16.15 -5.31
CA ARG A 218 5.68 -15.25 -5.49
C ARG A 218 5.35 -13.79 -5.15
N ILE A 219 6.37 -12.93 -5.18
CA ILE A 219 6.27 -11.47 -5.22
C ILE A 219 6.92 -10.92 -6.47
N VAL A 220 6.39 -9.79 -6.97
CA VAL A 220 6.99 -9.12 -8.12
C VAL A 220 7.36 -7.68 -7.75
N ARG A 221 6.89 -7.13 -6.61
CA ARG A 221 7.13 -5.74 -6.30
C ARG A 221 8.61 -5.44 -6.01
N ASP A 222 9.16 -4.47 -6.73
CA ASP A 222 10.58 -4.17 -6.70
C ASP A 222 11.00 -3.77 -5.29
N GLY A 223 10.33 -2.73 -4.74
CA GLY A 223 10.54 -2.20 -3.40
C GLY A 223 10.54 -3.29 -2.32
N LEU A 224 9.68 -4.32 -2.45
CA LEU A 224 9.58 -5.36 -1.44
C LEU A 224 10.75 -6.35 -1.52
N ILE A 225 11.07 -6.78 -2.73
CA ILE A 225 12.24 -7.61 -2.95
C ILE A 225 13.48 -6.85 -2.47
N ALA A 226 13.56 -5.55 -2.78
CA ALA A 226 14.76 -4.83 -2.41
C ALA A 226 14.88 -4.79 -0.87
N ALA A 227 13.77 -4.49 -0.16
CA ALA A 227 13.87 -4.38 1.30
C ALA A 227 14.29 -5.70 1.93
N ILE A 228 13.73 -6.81 1.44
CA ILE A 228 14.09 -8.11 1.96
C ILE A 228 15.59 -8.42 1.69
N GLU A 229 16.11 -8.00 0.53
CA GLU A 229 17.50 -8.25 0.21
C GLU A 229 18.39 -7.43 1.11
N LYS A 230 17.91 -6.25 1.54
CA LYS A 230 18.73 -5.38 2.39
C LYS A 230 18.91 -6.06 3.75
N ASP A 231 17.92 -6.86 4.18
CA ASP A 231 17.77 -7.25 5.58
C ASP A 231 17.33 -8.71 5.60
N PRO A 232 18.13 -9.58 4.97
CA PRO A 232 17.63 -10.91 4.68
C PRO A 232 17.48 -11.68 5.99
N ALA A 233 18.17 -11.22 7.09
CA ALA A 233 18.12 -12.07 8.29
C ALA A 233 17.09 -11.61 9.33
N LYS A 234 16.84 -10.32 9.41
CA LYS A 234 16.12 -9.79 10.58
C LYS A 234 14.78 -9.17 10.11
N ASN A 235 14.44 -9.26 8.81
CA ASN A 235 13.23 -8.52 8.38
C ASN A 235 11.96 -9.20 8.89
N ILE A 236 10.81 -8.48 8.88
CA ILE A 236 9.59 -8.98 9.50
C ILE A 236 9.10 -10.34 8.99
N PHE A 237 9.59 -10.86 7.85
CA PHE A 237 9.06 -12.09 7.32
C PHE A 237 10.07 -13.21 7.58
N ALA A 238 11.25 -12.83 8.06
CA ALA A 238 12.32 -13.80 8.28
C ALA A 238 11.93 -14.77 9.39
N LYS A 239 12.72 -15.83 9.40
CA LYS A 239 12.56 -16.91 10.35
C LYS A 239 13.94 -17.56 10.41
N ASN A 240 14.39 -17.83 11.62
CA ASN A 240 15.64 -18.56 11.81
C ASN A 240 16.80 -17.82 11.16
N GLY A 241 16.75 -16.49 11.09
CA GLY A 241 17.83 -15.78 10.44
C GLY A 241 17.90 -15.95 8.91
N LYS A 242 16.84 -16.46 8.26
CA LYS A 242 16.71 -16.13 6.84
C LYS A 242 15.24 -15.93 6.41
N THR A 243 15.06 -15.50 5.15
CA THR A 243 13.71 -15.46 4.60
C THR A 243 13.49 -16.48 3.49
N ASP A 244 12.31 -17.02 3.47
CA ASP A 244 11.85 -17.88 2.41
C ASP A 244 11.58 -17.15 1.08
N LEU A 245 12.65 -16.59 0.49
CA LEU A 245 12.55 -15.97 -0.83
C LEU A 245 13.83 -16.32 -1.59
N LYS A 246 13.66 -16.75 -2.86
CA LYS A 246 14.76 -16.84 -3.83
C LYS A 246 14.59 -15.76 -4.90
N VAL A 247 15.54 -14.83 -4.98
CA VAL A 247 15.39 -13.75 -5.93
C VAL A 247 15.87 -14.27 -7.31
N ILE A 248 15.06 -14.06 -8.38
CA ILE A 248 15.44 -14.45 -9.74
C ILE A 248 15.57 -13.14 -10.50
N ASP A 249 16.73 -12.93 -11.12
CA ASP A 249 17.05 -11.64 -11.70
C ASP A 249 17.03 -11.82 -13.22
N PHE A 250 16.15 -11.10 -13.94
CA PHE A 250 16.07 -11.38 -15.37
C PHE A 250 16.75 -10.27 -16.08
N ARG A 251 17.76 -10.75 -16.81
CA ARG A 251 18.69 -9.97 -17.58
C ARG A 251 19.31 -8.79 -16.85
N GLY A 252 19.38 -8.79 -15.53
CA GLY A 252 19.84 -7.51 -14.95
C GLY A 252 18.73 -6.47 -15.02
N PHE A 253 17.47 -6.91 -15.25
CA PHE A 253 16.54 -5.82 -15.58
C PHE A 253 15.39 -5.78 -14.56
N ARG A 254 14.92 -6.95 -14.21
CA ARG A 254 13.83 -7.01 -13.28
C ARG A 254 13.91 -8.29 -12.45
N LYS A 255 13.46 -8.19 -11.20
CA LYS A 255 13.48 -9.35 -10.31
C LYS A 255 12.10 -9.87 -9.94
N ILE A 256 12.03 -11.19 -9.71
CA ILE A 256 10.96 -11.76 -8.94
C ILE A 256 11.56 -12.41 -7.68
N GLY A 257 10.66 -12.75 -6.74
CA GLY A 257 10.94 -13.52 -5.52
C GLY A 257 9.99 -14.69 -5.39
N VAL A 258 10.58 -15.89 -5.43
CA VAL A 258 9.72 -17.05 -5.40
C VAL A 258 9.86 -17.62 -3.98
N MET A 259 8.76 -18.14 -3.42
CA MET A 259 8.81 -18.70 -2.09
C MET A 259 8.45 -20.16 -2.23
N GLU A 260 9.16 -20.98 -1.43
CA GLU A 260 8.83 -22.37 -1.39
C GLU A 260 7.44 -22.59 -0.84
N LYS A 261 6.97 -21.73 0.08
CA LYS A 261 5.66 -21.98 0.72
C LYS A 261 4.88 -20.67 0.69
N THR A 262 3.58 -20.73 0.52
CA THR A 262 2.70 -19.56 0.46
C THR A 262 2.96 -18.78 1.75
N ASP A 263 3.31 -17.52 1.59
CA ASP A 263 3.37 -16.54 2.66
C ASP A 263 2.64 -15.29 2.14
N SER A 264 1.32 -15.26 2.46
CA SER A 264 0.49 -14.12 2.09
C SER A 264 0.90 -12.87 2.87
N ARG A 265 1.59 -13.03 4.00
CA ARG A 265 2.18 -11.82 4.56
C ARG A 265 3.00 -11.09 3.52
N MET A 266 3.90 -11.82 2.84
CA MET A 266 4.79 -11.16 1.90
C MET A 266 3.98 -10.73 0.66
N MET A 267 3.10 -11.63 0.22
CA MET A 267 2.39 -11.32 -1.01
C MET A 267 1.52 -10.07 -0.85
N CYS A 268 0.88 -9.88 0.33
CA CYS A 268 0.03 -8.71 0.55
C CYS A 268 0.88 -7.47 0.85
N ALA A 269 2.06 -7.69 1.42
CA ALA A 269 3.04 -6.62 1.69
C ALA A 269 3.63 -5.99 0.41
N GLN A 270 3.30 -6.53 -0.77
CA GLN A 270 3.68 -5.86 -2.02
C GLN A 270 2.98 -4.50 -2.11
N CYS A 271 1.91 -4.32 -1.30
CA CYS A 271 1.19 -3.04 -1.35
C CYS A 271 0.78 -2.58 0.03
N HIS A 272 0.33 -3.52 0.89
CA HIS A 272 -0.16 -3.17 2.22
C HIS A 272 0.97 -2.87 3.19
N VAL A 273 1.81 -1.86 2.91
CA VAL A 273 2.89 -1.43 3.74
C VAL A 273 2.95 0.10 3.74
N GLU A 274 3.75 0.63 4.69
CA GLU A 274 4.27 2.00 4.65
C GLU A 274 5.31 2.08 3.54
N TYR A 275 5.32 3.17 2.79
CA TYR A 275 6.27 3.22 1.68
C TYR A 275 6.60 4.70 1.51
N ASN A 276 7.66 4.96 0.71
CA ASN A 276 7.87 6.26 0.13
C ASN A 276 7.83 6.08 -1.39
N CYS A 277 6.99 6.88 -2.05
CA CYS A 277 6.73 6.77 -3.48
C CYS A 277 6.43 8.18 -4.00
N ASN A 278 7.25 9.09 -3.57
CA ASN A 278 6.90 10.49 -3.67
C ASN A 278 8.22 11.21 -3.51
N PRO A 279 8.34 12.46 -4.01
CA PRO A 279 9.44 13.31 -3.59
C PRO A 279 9.33 13.69 -2.10
N GLY A 280 10.43 14.14 -1.51
CA GLY A 280 10.47 14.54 -0.13
C GLY A 280 11.57 15.57 0.07
N THR A 281 11.88 15.83 1.34
CA THR A 281 12.93 16.73 1.80
C THR A 281 13.91 16.04 2.76
N GLN A 282 15.14 16.56 2.73
CA GLN A 282 16.21 16.05 3.56
C GLN A 282 16.17 16.85 4.83
N ARG A 283 16.27 16.08 5.91
CA ARG A 283 16.20 16.65 7.24
C ARG A 283 17.46 17.52 7.54
N THR A 284 18.63 17.11 7.08
CA THR A 284 19.90 17.79 7.43
C THR A 284 20.02 19.13 6.70
N ASP A 285 19.88 19.12 5.36
CA ASP A 285 20.11 20.32 4.57
C ASP A 285 18.86 20.91 3.95
N GLY A 286 17.74 20.19 3.98
CA GLY A 286 16.51 20.75 3.44
C GLY A 286 16.51 20.70 1.91
N LYS A 287 17.43 19.90 1.37
CA LYS A 287 17.59 19.74 -0.07
C LYS A 287 16.44 18.88 -0.59
N PRO A 288 15.91 19.14 -1.78
CA PRO A 288 14.93 18.24 -2.38
C PRO A 288 15.42 16.81 -2.58
N VAL A 289 14.48 15.87 -2.38
CA VAL A 289 14.68 14.48 -2.74
C VAL A 289 13.73 14.15 -3.90
N THR A 290 14.24 14.05 -5.14
CA THR A 290 13.50 13.96 -6.39
C THR A 290 13.43 12.50 -6.80
N PHE A 291 12.75 12.18 -7.92
CA PHE A 291 12.63 10.84 -8.49
C PHE A 291 13.96 10.22 -8.93
N ALA A 292 14.99 11.09 -9.05
CA ALA A 292 16.35 10.68 -9.34
C ALA A 292 16.78 9.78 -8.19
N ASP A 293 16.15 9.98 -7.03
CA ASP A 293 16.68 9.38 -5.82
C ASP A 293 15.84 8.17 -5.46
N ALA A 294 16.54 7.04 -5.28
CA ALA A 294 16.04 5.75 -4.87
C ALA A 294 15.17 5.77 -3.61
N ARG A 295 15.33 6.79 -2.78
CA ARG A 295 14.52 7.00 -1.60
C ARG A 295 13.04 7.23 -2.00
N THR A 296 12.78 7.48 -3.30
CA THR A 296 11.42 7.81 -3.72
C THR A 296 10.66 6.54 -4.13
N ASN A 297 11.26 5.36 -4.06
CA ASN A 297 10.53 4.10 -4.29
C ASN A 297 11.06 3.11 -3.27
N HIS A 298 10.57 3.20 -2.02
CA HIS A 298 11.30 2.56 -0.93
C HIS A 298 10.39 1.95 0.13
N PHE A 299 10.74 0.75 0.61
CA PHE A 299 9.92 0.13 1.67
C PHE A 299 10.76 -0.01 2.95
N PRO A 300 10.41 0.68 4.06
CA PRO A 300 11.14 0.51 5.33
C PRO A 300 10.95 -0.86 5.94
N LEU A 301 9.75 -1.46 5.85
CA LEU A 301 9.37 -2.65 6.62
C LEU A 301 9.67 -2.44 8.12
N LYS A 302 9.32 -1.29 8.68
CA LYS A 302 9.44 -1.03 10.09
C LYS A 302 8.07 -0.62 10.66
N ASN A 303 7.88 -0.91 11.96
CA ASN A 303 6.60 -0.62 12.61
C ASN A 303 6.58 0.76 13.22
N SER A 304 5.48 1.04 13.96
CA SER A 304 5.23 2.39 14.43
C SER A 304 6.33 2.88 15.39
N LEU A 305 6.90 1.94 16.13
CA LEU A 305 7.85 2.28 17.18
C LEU A 305 9.27 2.43 16.61
N GLN A 306 9.46 2.13 15.32
CA GLN A 306 10.78 2.20 14.70
C GLN A 306 10.87 3.28 13.61
N LEU A 307 9.73 3.83 13.13
CA LEU A 307 9.75 4.56 11.87
C LEU A 307 10.34 5.94 11.94
N LEU A 308 10.18 6.66 13.05
CA LEU A 308 10.78 7.99 13.13
C LEU A 308 12.31 7.87 13.05
N GLU A 309 12.88 6.88 13.79
CA GLU A 309 14.33 6.65 13.74
C GLU A 309 14.74 6.28 12.31
N HIS A 310 13.94 5.42 11.66
CA HIS A 310 14.30 4.95 10.32
C HIS A 310 14.35 6.09 9.30
N TYR A 311 13.29 6.92 9.26
CA TYR A 311 13.33 8.06 8.35
C TYR A 311 14.40 9.12 8.70
N ARG A 312 14.76 9.25 9.97
CA ARG A 312 15.87 10.12 10.31
C ARG A 312 17.18 9.52 9.81
N SER A 313 17.31 8.19 9.85
CA SER A 313 18.57 7.59 9.43
C SER A 313 18.77 7.67 7.91
N ILE A 314 17.69 7.81 7.13
CA ILE A 314 17.86 7.99 5.70
C ILE A 314 17.59 9.42 5.27
N ASP A 315 17.62 10.34 6.24
CA ASP A 315 17.58 11.78 6.04
C ASP A 315 16.41 12.11 5.14
N PHE A 316 15.18 11.75 5.58
CA PHE A 316 14.02 11.95 4.71
C PHE A 316 12.77 12.26 5.54
N PHE A 317 12.01 13.23 5.02
CA PHE A 317 10.66 13.46 5.52
C PHE A 317 9.81 13.91 4.33
N ASP A 318 8.49 13.89 4.56
CA ASP A 318 7.54 14.09 3.48
C ASP A 318 7.08 15.53 3.37
N PHE A 319 6.67 16.20 4.48
CA PHE A 319 6.14 17.55 4.39
C PHE A 319 6.34 18.33 5.70
N LYS A 320 6.46 19.65 5.63
CA LYS A 320 6.37 20.45 6.83
C LYS A 320 4.90 20.72 7.15
N HIS A 321 4.56 20.47 8.41
CA HIS A 321 3.22 20.84 8.85
C HIS A 321 2.96 22.34 8.63
N ALA A 322 1.85 22.63 7.99
CA ALA A 322 1.49 23.99 7.59
C ALA A 322 1.50 25.00 8.74
N VAL A 323 1.29 24.55 9.99
CA VAL A 323 1.21 25.50 11.08
C VAL A 323 2.57 25.46 11.79
N THR A 324 2.97 24.29 12.27
CA THR A 324 4.11 24.20 13.15
C THR A 324 5.44 24.13 12.43
N GLY A 325 5.49 23.86 11.12
CA GLY A 325 6.78 23.69 10.46
C GLY A 325 7.52 22.38 10.81
N ALA A 326 6.89 21.46 11.60
CA ALA A 326 7.52 20.21 11.99
C ALA A 326 7.77 19.35 10.76
N LYS A 327 8.92 18.70 10.75
CA LYS A 327 9.31 17.90 9.61
C LYS A 327 8.63 16.52 9.68
N LEU A 328 7.39 16.46 9.15
CA LEU A 328 6.65 15.21 9.34
C LEU A 328 6.89 14.18 8.27
N ILE A 329 6.74 12.94 8.75
CA ILE A 329 6.61 11.71 8.00
C ILE A 329 5.14 11.51 7.55
N LYS A 330 4.92 11.21 6.28
CA LYS A 330 3.56 10.80 5.90
C LYS A 330 3.45 9.27 5.89
N PHE A 331 2.45 8.73 6.62
CA PHE A 331 2.38 7.29 6.75
C PHE A 331 1.26 6.77 5.88
N GLN A 332 1.45 5.55 5.38
CA GLN A 332 0.42 4.91 4.57
C GLN A 332 0.27 3.43 4.92
N HIS A 333 -1.01 3.01 5.19
CA HIS A 333 -1.43 1.61 5.34
C HIS A 333 -0.29 0.63 5.68
N PRO A 334 0.27 0.66 6.92
CA PRO A 334 1.33 -0.28 7.28
C PRO A 334 0.78 -1.57 7.86
N GLU A 335 -0.04 -2.29 7.11
CA GLU A 335 -0.74 -3.43 7.66
C GLU A 335 0.28 -4.58 7.91
N ALA A 336 1.22 -4.87 6.94
CA ALA A 336 2.25 -5.89 7.12
C ALA A 336 3.11 -5.58 8.34
N GLU A 337 3.51 -4.30 8.52
CA GLU A 337 4.42 -4.00 9.62
C GLU A 337 3.71 -4.03 10.98
N THR A 338 2.42 -3.75 10.96
CA THR A 338 1.66 -3.84 12.18
C THR A 338 1.45 -5.32 12.56
N TYR A 339 0.99 -6.11 11.58
CA TYR A 339 0.69 -7.52 11.78
C TYR A 339 1.93 -8.23 12.29
N ALA A 340 3.13 -7.79 11.87
CA ALA A 340 4.34 -8.52 12.31
C ALA A 340 4.40 -8.65 13.84
N GLY A 341 4.57 -9.90 14.27
CA GLY A 341 4.78 -10.29 15.66
C GLY A 341 3.57 -10.10 16.57
N SER A 342 2.36 -10.01 15.99
CA SER A 342 1.13 -9.97 16.76
C SER A 342 0.74 -11.40 17.15
N ALA A 343 -0.30 -11.55 17.97
CA ALA A 343 -0.75 -12.88 18.41
C ALA A 343 -1.02 -13.81 17.23
N HIS A 344 -1.68 -13.29 16.17
CA HIS A 344 -2.07 -14.20 15.09
C HIS A 344 -0.82 -14.58 14.27
N ASP A 345 0.08 -13.63 14.01
CA ASP A 345 1.32 -13.88 13.28
C ASP A 345 2.21 -14.89 14.03
N LYS A 346 2.26 -14.73 15.35
CA LYS A 346 3.15 -15.61 16.11
C LYS A 346 2.50 -16.98 16.16
N ALA A 347 1.20 -17.08 15.86
CA ALA A 347 0.50 -18.37 15.76
C ALA A 347 0.62 -19.00 14.36
N GLY A 348 1.36 -18.32 13.46
CA GLY A 348 1.54 -18.78 12.08
C GLY A 348 0.34 -18.47 11.19
N VAL A 349 -0.67 -17.67 11.65
CA VAL A 349 -1.75 -17.30 10.74
C VAL A 349 -1.23 -16.22 9.80
N GLN A 350 -1.71 -16.25 8.55
CA GLN A 350 -1.33 -15.31 7.50
C GLN A 350 -2.54 -14.49 7.07
N CYS A 351 -2.30 -13.33 6.43
CA CYS A 351 -3.36 -12.41 6.00
C CYS A 351 -4.50 -13.17 5.29
N HIS A 352 -4.12 -14.05 4.33
CA HIS A 352 -5.13 -14.73 3.54
C HIS A 352 -6.10 -15.57 4.36
N GLN A 353 -5.73 -16.09 5.54
CA GLN A 353 -6.70 -16.89 6.28
C GLN A 353 -7.96 -16.10 6.68
N CYS A 354 -7.78 -14.81 7.08
CA CYS A 354 -8.95 -14.02 7.49
C CYS A 354 -9.55 -13.27 6.27
N HIS A 355 -8.76 -12.93 5.26
CA HIS A 355 -9.14 -11.96 4.21
C HIS A 355 -9.46 -12.69 2.88
N MET A 356 -9.01 -13.97 2.77
CA MET A 356 -9.32 -14.75 1.55
C MET A 356 -9.84 -16.11 2.01
N PRO A 357 -10.89 -16.18 2.86
CA PRO A 357 -11.25 -17.47 3.46
C PRO A 357 -11.77 -18.45 2.38
N GLN A 358 -12.04 -19.71 2.76
CA GLN A 358 -12.50 -20.76 1.84
C GLN A 358 -14.01 -20.69 1.63
N VAL A 359 -14.41 -20.77 0.37
CA VAL A 359 -15.80 -20.67 0.03
C VAL A 359 -15.99 -21.73 -1.04
N LYS A 360 -17.23 -22.05 -1.36
CA LYS A 360 -17.43 -23.03 -2.42
C LYS A 360 -18.08 -22.35 -3.61
N GLY A 361 -17.70 -22.78 -4.82
CA GLY A 361 -18.15 -22.11 -6.04
C GLY A 361 -19.34 -22.79 -6.70
N LYS A 362 -19.68 -22.27 -7.89
CA LYS A 362 -20.06 -23.04 -9.06
C LYS A 362 -21.10 -24.10 -8.71
N ASP A 363 -20.75 -25.33 -9.11
CA ASP A 363 -21.25 -26.57 -8.56
C ASP A 363 -21.04 -26.50 -7.05
N GLY A 364 -19.78 -26.66 -6.63
CA GLY A 364 -19.45 -26.81 -5.24
C GLY A 364 -17.99 -27.19 -5.06
N LYS A 365 -17.13 -26.54 -5.86
CA LYS A 365 -15.69 -26.57 -5.73
C LYS A 365 -15.22 -25.63 -4.60
N LYS A 366 -14.30 -26.10 -3.74
CA LYS A 366 -13.74 -25.32 -2.64
C LYS A 366 -12.66 -24.39 -3.18
N TYR A 367 -12.66 -23.08 -2.82
CA TYR A 367 -11.56 -22.19 -3.25
C TYR A 367 -11.39 -21.06 -2.20
N SER A 368 -10.24 -20.36 -2.29
CA SER A 368 -9.94 -19.15 -1.54
C SER A 368 -10.59 -17.97 -2.27
N THR A 369 -11.48 -17.20 -1.60
CA THR A 369 -12.06 -16.12 -2.36
C THR A 369 -11.01 -15.02 -2.61
N HIS A 370 -11.01 -14.54 -3.87
CA HIS A 370 -10.11 -13.54 -4.38
C HIS A 370 -10.86 -12.21 -4.47
N GLY A 371 -12.12 -12.16 -4.01
CA GLY A 371 -12.58 -10.83 -3.59
C GLY A 371 -12.27 -10.68 -2.09
N VAL A 372 -11.23 -9.91 -1.77
CA VAL A 372 -10.82 -9.87 -0.38
C VAL A 372 -11.92 -9.33 0.55
N VAL A 373 -12.04 -9.99 1.72
CA VAL A 373 -13.14 -9.89 2.66
C VAL A 373 -12.77 -8.98 3.80
N LYS A 374 -13.78 -8.24 4.26
CA LYS A 374 -13.73 -7.42 5.46
C LYS A 374 -14.26 -8.32 6.55
N PRO A 375 -13.38 -8.86 7.43
CA PRO A 375 -13.74 -9.95 8.35
C PRO A 375 -15.01 -9.71 9.13
N ILE A 376 -15.25 -8.46 9.59
CA ILE A 376 -16.44 -8.15 10.41
C ILE A 376 -17.71 -8.43 9.60
N GLN A 377 -17.56 -8.48 8.24
CA GLN A 377 -18.75 -8.67 7.41
C GLN A 377 -18.94 -10.14 7.07
N MET A 378 -18.01 -10.96 7.51
CA MET A 378 -18.01 -12.37 7.17
C MET A 378 -17.41 -13.23 8.29
N VAL A 379 -17.91 -13.05 9.53
CA VAL A 379 -17.18 -13.64 10.64
C VAL A 379 -17.23 -15.17 10.57
N GLN A 380 -18.28 -15.71 9.94
CA GLN A 380 -18.31 -17.19 9.94
C GLN A 380 -17.11 -17.81 9.20
N GLU A 381 -16.72 -17.26 8.04
CA GLU A 381 -15.58 -17.84 7.38
C GLU A 381 -14.24 -17.24 7.78
N SER A 382 -14.23 -15.96 8.17
CA SER A 382 -12.99 -15.29 8.49
C SER A 382 -12.51 -15.61 9.90
N CYS A 383 -13.45 -16.00 10.78
CA CYS A 383 -13.08 -16.18 12.16
C CYS A 383 -13.54 -17.56 12.66
N ILE A 384 -14.82 -17.89 12.48
CA ILE A 384 -15.38 -19.01 13.23
C ILE A 384 -14.79 -20.33 12.67
N SER A 385 -14.42 -20.34 11.37
CA SER A 385 -13.70 -21.43 10.70
C SER A 385 -12.53 -21.92 11.56
N CYS A 386 -11.83 -21.03 12.23
CA CYS A 386 -10.74 -21.45 13.09
C CYS A 386 -11.14 -21.44 14.57
N HIS A 387 -11.88 -20.41 15.02
CA HIS A 387 -12.33 -20.28 16.40
C HIS A 387 -13.70 -20.98 16.50
N LYS A 388 -13.74 -22.33 16.51
CA LYS A 388 -15.00 -23.07 16.26
C LYS A 388 -16.01 -22.90 17.37
N ASP A 389 -15.54 -22.51 18.57
CA ASP A 389 -16.38 -22.21 19.74
C ASP A 389 -17.02 -20.81 19.62
N TYR A 390 -16.64 -19.99 18.62
CA TYR A 390 -17.19 -18.64 18.60
C TYR A 390 -18.55 -18.62 17.93
N THR A 391 -19.46 -17.83 18.49
CA THR A 391 -20.68 -17.49 17.81
C THR A 391 -20.43 -16.23 16.96
N PRO A 392 -21.27 -15.89 15.95
CA PRO A 392 -21.00 -14.70 15.12
C PRO A 392 -20.97 -13.47 16.02
N ASN A 393 -21.88 -13.35 16.99
CA ASN A 393 -21.79 -12.23 17.95
C ASN A 393 -20.45 -12.15 18.67
N LYS A 394 -19.95 -13.26 19.15
CA LYS A 394 -18.69 -13.23 19.85
C LYS A 394 -17.57 -12.70 18.94
N ALA A 395 -17.51 -13.21 17.73
CA ALA A 395 -16.49 -12.77 16.76
C ALA A 395 -16.56 -11.26 16.55
N LYS A 396 -17.77 -10.78 16.24
CA LYS A 396 -17.99 -9.35 16.13
C LYS A 396 -17.57 -8.60 17.41
N PHE A 397 -18.06 -9.06 18.56
CA PHE A 397 -17.68 -8.48 19.84
C PHE A 397 -16.16 -8.35 19.97
N MET A 398 -15.37 -9.33 19.57
CA MET A 398 -13.92 -9.30 19.79
C MET A 398 -13.28 -8.28 18.85
N ILE A 399 -13.79 -8.26 17.60
CA ILE A 399 -13.20 -7.31 16.65
C ILE A 399 -13.55 -5.92 17.16
N GLU A 400 -14.84 -5.71 17.52
CA GLU A 400 -15.20 -4.34 17.87
C GLU A 400 -14.64 -3.87 19.20
N THR A 401 -14.45 -4.76 20.18
CA THR A 401 -13.93 -4.29 21.48
C THR A 401 -12.53 -3.72 21.31
N ILE A 402 -11.70 -4.46 20.57
CA ILE A 402 -10.33 -4.06 20.32
C ILE A 402 -10.29 -2.74 19.56
N ARG A 403 -11.19 -2.61 18.55
CA ARG A 403 -11.17 -1.38 17.78
C ARG A 403 -11.68 -0.24 18.66
N ASN A 404 -12.64 -0.56 19.56
CA ASN A 404 -13.22 0.43 20.43
C ASN A 404 -12.12 1.01 21.34
N TYR A 405 -11.41 0.11 22.02
CA TYR A 405 -10.36 0.57 22.92
C TYR A 405 -9.25 1.29 22.14
N THR A 406 -8.87 0.79 20.99
CA THR A 406 -7.82 1.42 20.16
C THR A 406 -8.26 2.81 19.68
N LYS A 407 -9.44 2.87 19.15
CA LYS A 407 -10.01 4.16 18.74
C LYS A 407 -10.11 5.19 19.87
N GLY A 408 -10.41 4.79 21.08
CA GLY A 408 -10.44 5.74 22.17
C GLY A 408 -9.06 6.42 22.31
N LYS A 409 -7.99 5.64 22.15
CA LYS A 409 -6.64 6.21 22.30
C LYS A 409 -6.31 7.01 21.04
N MET A 410 -6.80 6.57 19.88
CA MET A 410 -6.51 7.34 18.66
C MET A 410 -7.13 8.74 18.76
N ARG A 411 -8.40 8.83 19.22
CA ARG A 411 -9.12 10.11 19.27
C ARG A 411 -8.47 10.97 20.35
N LYS A 412 -7.96 10.30 21.39
CA LYS A 412 -7.36 11.08 22.48
C LYS A 412 -6.00 11.58 21.96
N SER A 413 -5.29 10.84 21.10
CA SER A 413 -4.01 11.35 20.60
C SER A 413 -4.26 12.53 19.65
N GLU A 414 -5.35 12.46 18.88
CA GLU A 414 -5.74 13.56 18.00
C GLU A 414 -6.09 14.82 18.82
N TYR A 415 -6.87 14.66 19.91
CA TYR A 415 -7.18 15.80 20.77
C TYR A 415 -5.88 16.47 21.22
N TRP A 416 -4.88 15.63 21.58
CA TRP A 416 -3.61 16.13 22.08
C TRP A 416 -2.73 16.78 21.00
N LEU A 417 -2.72 16.21 19.80
CA LEU A 417 -1.93 16.84 18.73
C LEU A 417 -2.56 18.16 18.34
N ALA A 418 -3.89 18.24 18.32
CA ALA A 418 -4.61 19.49 18.01
C ALA A 418 -4.30 20.54 19.07
N GLN A 419 -4.20 20.10 20.34
CA GLN A 419 -3.77 20.97 21.41
C GLN A 419 -2.32 21.42 21.16
N LEU A 420 -1.45 20.51 20.83
CA LEU A 420 -0.07 20.87 20.49
C LEU A 420 -0.05 21.94 19.41
N ILE A 421 -0.82 21.75 18.33
CA ILE A 421 -0.80 22.61 17.18
C ILE A 421 -1.36 23.97 17.57
N ASP A 422 -2.41 24.00 18.39
CA ASP A 422 -3.05 25.26 18.74
C ASP A 422 -2.13 26.05 19.69
N THR A 423 -1.52 25.35 20.65
CA THR A 423 -0.58 25.92 21.62
C THR A 423 0.60 26.52 20.86
N PHE A 424 1.19 25.79 19.93
CA PHE A 424 2.30 26.26 19.12
C PHE A 424 1.93 27.56 18.41
N ALA A 425 0.80 27.62 17.69
CA ALA A 425 0.50 28.89 17.03
C ALA A 425 0.45 30.03 18.07
N VAL A 426 -0.30 29.90 19.16
CA VAL A 426 -0.19 30.83 20.26
C VAL A 426 1.28 31.19 20.62
N ALA A 427 2.14 30.20 20.87
CA ALA A 427 3.53 30.37 21.27
C ALA A 427 4.29 31.18 20.24
N GLN A 428 4.05 30.92 18.94
CA GLN A 428 4.65 31.71 17.88
C GLN A 428 4.20 33.15 18.04
N ARG A 429 3.02 33.48 17.51
CA ARG A 429 2.32 34.73 17.73
C ARG A 429 2.85 35.56 18.92
N GLU A 430 3.22 34.93 20.04
CA GLU A 430 3.72 35.69 21.19
C GLU A 430 5.25 35.59 21.35
N GLY A 431 5.99 35.88 20.26
CA GLY A 431 7.16 35.17 19.72
C GLY A 431 8.05 34.44 20.73
N VAL A 432 7.58 33.31 21.27
CA VAL A 432 8.40 32.42 22.07
C VAL A 432 9.60 32.00 21.20
N SER A 433 10.72 31.70 21.85
CA SER A 433 12.03 31.62 21.18
C SER A 433 12.08 30.49 20.15
N PRO A 434 12.70 30.70 18.98
CA PRO A 434 12.75 29.66 17.95
C PRO A 434 13.44 28.39 18.44
N THR A 435 14.03 28.49 19.62
CA THR A 435 14.77 27.36 20.17
C THR A 435 13.78 26.38 20.80
N ILE A 436 12.98 26.95 21.70
CA ILE A 436 11.78 26.40 22.31
C ILE A 436 10.79 25.97 21.21
N LEU A 437 10.45 26.84 20.26
CA LEU A 437 9.60 26.40 19.17
C LEU A 437 10.20 25.18 18.48
N ASP A 438 11.52 25.12 18.39
CA ASP A 438 12.14 23.95 17.78
C ASP A 438 11.99 22.73 18.70
N GLN A 439 11.98 22.89 20.04
CA GLN A 439 11.89 21.66 20.87
C GLN A 439 10.50 21.04 20.68
N ALA A 440 9.54 21.96 20.51
CA ALA A 440 8.13 21.68 20.27
C ALA A 440 7.94 20.93 18.96
N ARG A 441 8.64 21.34 17.89
CA ARG A 441 8.61 20.66 16.62
C ARG A 441 9.06 19.22 16.79
N LEU A 442 10.03 18.90 17.68
CA LEU A 442 10.49 17.53 17.81
C LEU A 442 9.36 16.69 18.44
N LYS A 443 8.70 17.30 19.45
CA LYS A 443 7.50 16.80 20.13
C LYS A 443 6.41 16.49 19.11
N HIS A 444 6.18 17.43 18.18
CA HIS A 444 5.19 17.23 17.13
C HIS A 444 5.65 16.06 16.28
N GLU A 445 6.92 16.08 15.81
CA GLU A 445 7.39 14.93 15.02
C GLU A 445 7.06 13.59 15.63
N GLU A 446 7.41 13.45 16.89
CA GLU A 446 7.27 12.23 17.64
C GLU A 446 5.76 11.93 17.81
N ALA A 447 4.95 12.92 18.18
CA ALA A 447 3.55 12.61 18.51
C ALA A 447 2.81 12.28 17.20
N HIS A 448 3.20 12.94 16.12
CA HIS A 448 2.59 12.68 14.83
C HIS A 448 2.98 11.27 14.40
N ALA A 449 4.29 10.90 14.44
CA ALA A 449 4.66 9.55 13.97
C ALA A 449 3.89 8.47 14.72
N LEU A 450 3.61 8.70 16.00
CA LEU A 450 3.11 7.61 16.83
C LEU A 450 1.56 7.59 16.71
N TRP A 451 0.99 8.67 16.14
CA TRP A 451 -0.46 8.83 15.88
C TRP A 451 -0.78 8.43 14.45
N GLU A 452 -0.18 9.07 13.44
CA GLU A 452 -0.78 8.98 12.10
C GLU A 452 -0.60 7.59 11.50
N TYR A 453 0.37 6.81 11.98
CA TYR A 453 0.56 5.44 11.59
C TYR A 453 -0.77 4.68 11.73
N TRP A 454 -1.55 5.00 12.78
CA TRP A 454 -2.73 4.17 13.07
C TRP A 454 -3.95 4.65 12.31
N THR A 455 -4.03 5.93 11.84
CA THR A 455 -5.14 6.29 10.96
C THR A 455 -4.83 5.75 9.56
N ALA A 456 -3.53 5.66 9.24
CA ALA A 456 -3.15 5.16 7.93
C ALA A 456 -3.41 3.67 7.91
N GLU A 457 -3.07 2.97 9.00
CA GLU A 457 -3.26 1.51 9.07
C GLU A 457 -4.79 1.26 9.17
N ASN A 458 -5.25 0.15 8.62
CA ASN A 458 -6.69 0.04 8.36
C ASN A 458 -7.46 -0.84 9.35
N SER A 459 -6.82 -1.35 10.40
CA SER A 459 -7.46 -2.32 11.30
C SER A 459 -7.96 -1.69 12.57
N ASP A 460 -7.62 -0.41 12.79
CA ASP A 460 -7.94 0.23 14.09
C ASP A 460 -7.50 -0.60 15.29
N GLY A 461 -6.29 -1.12 15.18
CA GLY A 461 -5.68 -1.82 16.32
C GLY A 461 -5.83 -3.34 16.23
N PHE A 462 -6.79 -3.85 15.44
CA PHE A 462 -7.02 -5.27 15.57
C PHE A 462 -5.78 -6.07 15.19
N HIS A 463 -4.98 -5.58 14.22
CA HIS A 463 -3.83 -6.34 13.75
C HIS A 463 -2.75 -6.49 14.84
N ASN A 464 -2.68 -5.54 15.76
CA ASN A 464 -1.66 -5.59 16.81
C ASN A 464 -2.05 -4.63 17.92
N PRO A 465 -2.91 -5.11 18.86
CA PRO A 465 -3.51 -4.22 19.89
C PRO A 465 -2.44 -3.69 20.86
N GLU A 466 -1.43 -4.53 21.20
CA GLU A 466 -0.38 -4.07 22.11
C GLU A 466 0.47 -2.94 21.50
N GLN A 467 0.84 -3.14 20.23
CA GLN A 467 1.71 -2.16 19.65
C GLN A 467 0.91 -0.88 19.48
N ALA A 468 -0.42 -1.00 19.17
CA ALA A 468 -1.24 0.21 19.01
C ALA A 468 -1.31 1.03 20.31
N ARG A 469 -1.52 0.37 21.45
CA ARG A 469 -1.67 1.04 22.73
C ARG A 469 -0.30 1.72 23.03
N GLN A 470 0.77 0.93 22.88
CA GLN A 470 2.12 1.48 23.14
C GLN A 470 2.40 2.74 22.30
N SER A 471 2.10 2.67 21.00
CA SER A 471 2.33 3.80 20.11
C SER A 471 1.48 5.01 20.48
N LEU A 472 0.12 4.79 20.51
CA LEU A 472 -0.79 5.91 20.76
C LEU A 472 -0.55 6.58 22.12
N THR A 473 -0.25 5.80 23.18
CA THR A 473 -0.03 6.46 24.47
C THR A 473 1.29 7.24 24.40
N GLY A 474 2.25 6.71 23.60
CA GLY A 474 3.49 7.44 23.32
C GLY A 474 3.16 8.80 22.65
N SER A 475 2.24 8.78 21.69
CA SER A 475 1.87 10.01 21.04
C SER A 475 1.31 11.04 22.02
N ILE A 476 0.31 10.61 22.78
CA ILE A 476 -0.28 11.44 23.82
C ILE A 476 0.85 12.01 24.70
N SER A 477 1.79 11.15 25.11
CA SER A 477 2.78 11.62 26.11
C SER A 477 3.62 12.73 25.49
N ALA A 478 3.98 12.45 24.24
CA ALA A 478 4.74 13.40 23.42
C ALA A 478 4.02 14.71 23.30
N SER A 479 2.71 14.67 23.00
CA SER A 479 1.99 15.92 22.80
C SER A 479 1.79 16.70 24.11
N LYS A 480 1.44 15.98 25.19
CA LYS A 480 1.22 16.73 26.44
C LYS A 480 2.55 17.35 26.94
N ALA A 481 3.66 16.68 26.69
CA ALA A 481 4.98 17.26 26.98
C ALA A 481 5.28 18.53 26.18
N GLY A 482 4.91 18.57 24.87
CA GLY A 482 5.05 19.71 23.99
C GLY A 482 4.18 20.85 24.47
N VAL A 483 2.93 20.52 24.83
CA VAL A 483 1.99 21.51 25.28
C VAL A 483 2.48 22.12 26.60
N LYS A 484 3.11 21.34 27.49
CA LYS A 484 3.60 21.84 28.77
C LYS A 484 4.80 22.72 28.48
N LEU A 485 5.75 22.25 27.63
CA LEU A 485 6.92 23.06 27.28
C LEU A 485 6.51 24.38 26.65
N LEU A 486 5.55 24.39 25.71
CA LEU A 486 5.17 25.65 25.10
C LEU A 486 4.47 26.57 26.09
N ASN A 487 3.50 26.07 26.86
CA ASN A 487 2.83 26.90 27.85
C ASN A 487 3.87 27.46 28.83
N ASP A 488 4.85 26.65 29.26
CA ASP A 488 5.90 27.11 30.18
C ASP A 488 6.57 28.33 29.53
N ALA A 489 6.97 28.16 28.26
CA ALA A 489 7.54 29.23 27.42
C ALA A 489 6.62 30.45 27.23
N ILE A 490 5.30 30.28 27.11
CA ILE A 490 4.40 31.38 26.76
C ILE A 490 4.19 32.34 27.94
N MET A 491 4.14 31.75 29.15
CA MET A 491 4.15 32.45 30.42
C MET A 491 5.45 33.25 30.54
N ALA A 492 6.58 32.60 30.22
CA ALA A 492 7.94 33.13 30.40
C ALA A 492 8.22 34.39 29.58
N VAL A 493 7.27 34.77 28.70
CA VAL A 493 7.27 36.01 27.94
C VAL A 493 7.07 37.21 28.88
N LYS A 494 5.83 37.48 29.35
CA LYS A 494 5.51 38.67 30.14
C LYS A 494 6.02 38.54 31.58
N GLN A 495 6.90 37.56 31.79
CA GLN A 495 7.42 37.00 33.05
C GLN A 495 8.12 38.02 33.99
FE HEC B . 12.81 -15.16 -26.53
CHA HEC B . 12.70 -12.03 -25.34
CHB HEC B . 9.57 -15.74 -25.29
CHC HEC B . 12.76 -18.27 -28.24
CHD HEC B . 16.03 -14.95 -27.17
NA HEC B . 11.39 -14.05 -25.45
C1A HEC B . 11.52 -12.77 -25.07
C2A HEC B . 10.37 -12.14 -24.38
C3A HEC B . 9.42 -13.25 -24.40
C4A HEC B . 10.13 -14.40 -25.06
CMA HEC B . 8.04 -13.30 -23.78
CAA HEC B . 10.10 -10.73 -23.91
CBA HEC B . 10.82 -9.99 -22.80
CGA HEC B . 10.20 -8.61 -22.78
O1A HEC B . 10.97 -7.64 -22.53
O2A HEC B . 8.97 -8.45 -23.11
NB HEC B . 11.51 -16.65 -26.72
C1B HEC B . 10.21 -16.76 -26.16
C2B HEC B . 9.48 -17.96 -26.47
C3B HEC B . 10.51 -18.65 -27.32
C4B HEC B . 11.64 -17.80 -27.41
CMB HEC B . 8.09 -18.42 -26.05
CAB HEC B . 10.38 -19.94 -27.99
CBB HEC B . 9.21 -19.79 -29.01
NC HEC B . 14.17 -16.28 -27.61
C1C HEC B . 13.95 -17.50 -28.13
C2C HEC B . 15.12 -18.21 -28.70
C3C HEC B . 16.16 -17.21 -28.45
C4C HEC B . 15.50 -16.10 -27.74
CMC HEC B . 15.11 -19.57 -29.39
CAC HEC B . 17.58 -17.60 -28.79
CBC HEC B . 18.66 -16.76 -29.48
ND HEC B . 13.96 -13.81 -26.30
C1D HEC B . 15.30 -13.85 -26.55
C2D HEC B . 16.13 -12.69 -26.33
C3D HEC B . 15.12 -11.82 -25.89
C4D HEC B . 13.93 -12.67 -25.86
CMD HEC B . 17.60 -12.34 -26.49
CAD HEC B . 15.14 -10.43 -25.35
CBD HEC B . 16.32 -9.49 -25.65
CGD HEC B . 15.93 -8.25 -24.86
O1D HEC B . 16.44 -8.10 -23.74
O2D HEC B . 15.03 -7.43 -25.25
FE HEC C . 5.91 -16.86 -20.32
CHA HEC C . 7.18 -13.67 -19.20
CHB HEC C . 8.74 -17.39 -21.87
CHC HEC C . 4.78 -20.10 -21.15
CHD HEC C . 2.98 -16.03 -19.02
NA HEC C . 7.28 -15.73 -20.40
C1A HEC C . 7.92 -14.66 -20.02
C2A HEC C . 9.24 -14.27 -20.45
C3A HEC C . 9.74 -15.32 -21.19
C4A HEC C . 8.45 -16.15 -21.10
CMA HEC C . 11.04 -15.42 -21.88
CAA HEC C . 10.06 -13.06 -20.13
CBA HEC C . 11.14 -13.31 -19.04
CGA HEC C . 12.17 -12.22 -18.87
O1A HEC C . 12.12 -11.07 -18.23
O2A HEC C . 13.24 -12.50 -19.43
NB HEC C . 6.67 -18.45 -21.36
C1B HEC C . 7.91 -18.51 -21.92
C2B HEC C . 8.26 -19.76 -22.61
C3B HEC C . 7.05 -20.53 -22.48
C4B HEC C . 6.07 -19.60 -21.64
CMB HEC C . 9.55 -20.05 -23.41
CAB HEC C . 6.64 -21.92 -22.89
CBB HEC C . 7.63 -23.00 -22.36
NC HEC C . 4.19 -17.89 -20.09
C1C HEC C . 3.83 -19.13 -20.45
C2C HEC C . 2.51 -19.44 -20.12
C3C HEC C . 2.02 -18.17 -19.46
C4C HEC C . 3.12 -17.31 -19.58
CMC HEC C . 1.91 -20.71 -20.38
CAC HEC C . 0.67 -17.89 -18.99
CBC HEC C . 0.03 -19.03 -18.23
ND HEC C . 5.21 -15.21 -19.32
C1D HEC C . 3.96 -15.03 -18.97
C2D HEC C . 3.75 -13.82 -18.21
C3D HEC C . 5.02 -13.11 -18.30
C4D HEC C . 5.85 -14.07 -19.05
CMD HEC C . 2.43 -13.31 -17.64
CAD HEC C . 5.51 -11.75 -17.80
CBD HEC C . 6.48 -11.70 -16.57
CGD HEC C . 6.16 -12.54 -15.29
O1D HEC C . 7.19 -13.10 -14.68
O2D HEC C . 4.93 -12.73 -14.98
FE HEC D . -2.95 -22.34 -13.29
CHA HEC D . -2.53 -24.58 -10.74
CHB HEC D . -2.15 -19.82 -11.17
CHC HEC D . -3.08 -20.03 -15.89
CHD HEC D . -4.14 -24.85 -15.43
NA HEC D . -2.48 -22.22 -11.29
C1A HEC D . -2.38 -23.19 -10.39
C2A HEC D . -2.07 -22.72 -9.04
C3A HEC D . -1.99 -21.30 -9.16
C4A HEC D . -2.19 -21.14 -10.60
CMA HEC D . -1.67 -20.27 -8.14
CAA HEC D . -1.93 -23.56 -7.82
CBA HEC D . -0.50 -24.07 -7.76
CGA HEC D . -0.46 -24.80 -6.41
O1A HEC D . -1.53 -25.28 -5.90
O2A HEC D . 0.62 -24.81 -5.80
NB HEC D . -2.68 -20.30 -13.51
C1B HEC D . -2.30 -19.41 -12.55
C2B HEC D . -2.11 -17.99 -12.97
C3B HEC D . -2.38 -18.14 -14.42
C4B HEC D . -2.76 -19.54 -14.61
CMB HEC D . -1.71 -16.77 -12.19
CAB HEC D . -2.38 -17.10 -15.48
CBB HEC D . -0.98 -16.56 -15.76
NC HEC D . -3.42 -22.43 -15.30
C1C HEC D . -3.52 -21.41 -16.15
C2C HEC D . -4.05 -21.73 -17.45
C3C HEC D . -4.35 -23.16 -17.30
C4C HEC D . -4.02 -23.48 -15.92
CMC HEC D . -4.21 -20.81 -18.62
CAC HEC D . -5.14 -24.09 -18.16
CBC HEC D . -4.67 -24.32 -19.55
ND HEC D . -3.17 -24.38 -13.15
C1D HEC D . -3.67 -25.25 -14.08
C2D HEC D . -3.69 -26.66 -13.60
C3D HEC D . -3.24 -26.55 -12.19
C4D HEC D . -2.97 -25.13 -12.04
CMD HEC D . -4.15 -27.86 -14.36
CAD HEC D . -3.09 -27.64 -11.15
CBD HEC D . -4.53 -28.04 -10.96
CGD HEC D . -5.13 -26.84 -10.18
O1D HEC D . -6.25 -26.37 -10.48
O2D HEC D . -4.42 -26.40 -9.24
FE HEC E . -2.32 3.79 -2.99
CHA HEC E . -5.41 2.80 -1.62
CHB HEC E . -3.86 6.41 -4.57
CHC HEC E . 0.70 4.88 -3.98
CHD HEC E . -0.91 0.77 -1.75
NA HEC E . -4.27 4.46 -3.11
C1A HEC E . -5.33 3.99 -2.46
C2A HEC E . -6.57 4.70 -2.83
C3A HEC E . -6.14 5.77 -3.70
C4A HEC E . -4.72 5.48 -3.82
CMA HEC E . -6.94 6.87 -4.32
CAA HEC E . -7.95 4.45 -2.32
CBA HEC E . -8.07 5.07 -0.91
CGA HEC E . -7.86 6.60 -0.89
O1A HEC E . -8.70 7.42 -1.28
O2A HEC E . -6.80 6.93 -0.34
NB HEC E . -1.67 5.31 -4.15
C1B HEC E . -2.48 6.30 -4.63
C2B HEC E . -1.65 7.36 -5.26
C3B HEC E . -0.27 6.92 -5.00
C4B HEC E . -0.39 5.72 -4.30
CMB HEC E . -2.05 8.62 -5.97
CAB HEC E . 1.04 7.61 -5.39
CBB HEC E . 1.21 8.96 -4.69
NC HEC E . -0.42 2.95 -2.94
C1C HEC E . 0.64 3.51 -3.44
C2C HEC E . 1.81 2.70 -3.33
C3C HEC E . 1.34 1.48 -2.66
C4C HEC E . -0.08 1.75 -2.46
CMC HEC E . 3.20 2.99 -3.90
CAC HEC E . 2.08 0.20 -2.36
CBC HEC E . 3.33 0.23 -1.49
ND HEC E . -3.06 2.11 -1.95
C1D HEC E . -2.31 1.08 -1.49
C2D HEC E . -3.06 0.19 -0.64
C3D HEC E . -4.38 0.73 -0.54
C4D HEC E . -4.25 1.99 -1.32
CMD HEC E . -2.60 -1.07 0.06
CAD HEC E . -5.55 0.17 0.17
CBD HEC E . -5.46 0.57 1.72
CGD HEC E . -5.74 2.06 2.08
O1D HEC E . -6.32 2.78 1.27
O2D HEC E . -5.29 2.50 3.25
FE HEC F . -4.57 -16.41 -6.09
CHA HEC F . -4.83 -19.13 -4.06
CHB HEC F . -5.50 -18.34 -8.82
CHC HEC F . -4.82 -13.62 -7.91
CHD HEC F . -3.02 -14.76 -3.51
NA HEC F . -5.05 -18.39 -6.41
C1A HEC F . -5.00 -19.38 -5.48
C2A HEC F . -5.27 -20.73 -6.02
C3A HEC F . -5.48 -20.45 -7.40
C4A HEC F . -5.32 -19.01 -7.55
CMA HEC F . -5.78 -21.49 -8.44
CAA HEC F . -5.38 -22.09 -5.34
CBA HEC F . -6.83 -22.59 -5.07
CGA HEC F . -7.44 -21.74 -3.93
O1A HEC F . -6.84 -21.70 -2.82
O2A HEC F . -8.46 -21.05 -4.27
NB HEC F . -5.07 -16.00 -8.04
C1B HEC F . -5.49 -16.84 -8.94
C2B HEC F . -5.92 -16.18 -10.14
C3B HEC F . -5.77 -14.77 -9.88
C4B HEC F . -5.24 -14.78 -8.55
CMB HEC F . -6.42 -16.87 -11.35
CAB HEC F . -6.18 -13.62 -10.74
CBB HEC F . -7.69 -13.56 -10.99
NC HEC F . -3.97 -14.54 -5.82
C1C HEC F . -4.06 -13.53 -6.69
C2C HEC F . -3.37 -12.31 -6.29
C3C HEC F . -2.88 -12.73 -4.98
C4C HEC F . -3.25 -14.08 -4.78
CMC HEC F . -3.22 -10.98 -6.94
CAC HEC F . -1.97 -11.93 -4.12
CBC HEC F . -2.53 -10.60 -3.75
ND HEC F . -4.05 -16.85 -4.10
C1D HEC F . -3.50 -16.07 -3.19
C2D HEC F . -3.34 -16.69 -1.87
C3D HEC F . -3.89 -18.00 -2.08
C4D HEC F . -4.24 -17.97 -3.49
CMD HEC F . -2.76 -16.19 -0.60
CAD HEC F . -4.05 -19.23 -1.18
CBD HEC F . -2.83 -20.07 -1.44
CGD HEC F . -2.71 -20.96 -0.23
O1D HEC F . -3.70 -21.26 0.41
O2D HEC F . -1.62 -21.42 0.16
FE HEC G . -5.37 -5.07 -0.85
CHA HEC G . -8.16 -2.97 -0.71
CHB HEC G . -6.55 -6.85 1.84
CHC HEC G . -3.24 -7.54 -1.62
CHD HEC G . -3.79 -2.93 -2.97
NA HEC G . -7.04 -4.89 0.28
C1A HEC G . -8.09 -4.09 0.19
C2A HEC G . -9.10 -4.35 1.17
C3A HEC G . -8.59 -5.44 1.87
C4A HEC G . -7.41 -5.81 1.23
CMA HEC G . -9.33 -6.18 2.96
CAA HEC G . -10.41 -3.69 1.37
CBA HEC G . -11.40 -4.59 0.50
CGA HEC G . -12.74 -3.97 0.31
O1A HEC G . -13.63 -4.50 -0.40
O2A HEC G . -13.14 -2.96 0.94
NB HEC G . -4.88 -6.85 -0.02
C1B HEC G . -5.47 -7.44 1.02
C2B HEC G . -4.86 -8.73 1.36
C3B HEC G . -3.86 -8.96 0.35
C4B HEC G . -3.96 -7.72 -0.49
CMB HEC G . -5.17 -9.60 2.56
CAB HEC G . -3.04 -10.16 0.16
CBB HEC G . -3.95 -11.38 -0.01
NC HEC G . -3.79 -5.27 -2.10
C1C HEC G . -2.97 -6.33 -2.23
C2C HEC G . -1.94 -6.15 -3.22
C3C HEC G . -2.16 -4.78 -3.68
C4C HEC G . -3.33 -4.31 -2.95
CMC HEC G . -0.95 -7.19 -3.68
CAC HEC G . -1.18 -4.01 -4.57
CBC HEC G . -1.13 -4.51 -6.04
ND HEC G . -5.88 -3.28 -1.64
C1D HEC G . -5.07 -2.56 -2.45
C2D HEC G . -5.76 -1.36 -2.87
C3D HEC G . -7.00 -1.37 -2.26
C4D HEC G . -7.01 -2.57 -1.45
CMD HEC G . -5.07 -0.27 -3.73
CAD HEC G . -8.02 -0.29 -2.38
CBD HEC G . -8.82 -0.46 -3.69
CGD HEC G . -9.73 0.78 -3.93
O1D HEC G . -10.11 1.43 -2.97
O2D HEC G . -10.07 1.08 -5.12
FE HEC H . -6.52 -7.58 8.29
CHA HEC H . -8.70 -5.01 8.57
CHB HEC H . -5.22 -6.18 5.52
CHC HEC H . -4.10 -9.80 8.43
CHD HEC H . -8.41 -9.45 10.45
NA HEC H . -6.92 -5.94 7.25
C1A HEC H . -7.95 -5.09 7.39
C2A HEC H . -8.03 -4.07 6.40
C3A HEC H . -6.97 -4.40 5.47
C4A HEC H . -6.37 -5.55 6.09
CMA HEC H . -6.66 -3.60 4.20
CAA HEC H . -9.10 -3.05 6.31
CBA HEC H . -10.17 -3.54 5.33
CGA HEC H . -11.17 -4.37 5.97
O1A HEC H . -10.98 -5.63 5.82
O2A HEC H . -12.11 -3.88 6.71
NB HEC H . -4.93 -7.94 7.16
C1B HEC H . -4.47 -7.24 6.12
C2B HEC H . -3.13 -7.70 5.64
C3B HEC H . -2.86 -8.75 6.57
C4B HEC H . -3.95 -8.75 7.49
CMB HEC H . -2.35 -7.12 4.49
CAB HEC H . -1.63 -9.60 6.75
CBB HEC H . -0.47 -8.64 6.84
NC HEC H . -6.31 -9.38 9.21
C1C HEC H . -5.28 -10.20 9.08
C2C HEC H . -5.45 -11.42 9.84
C3C HEC H . -6.76 -11.36 10.40
C4C HEC H . -7.19 -10.06 10.03
CMC HEC H . -4.39 -12.55 9.79
CAC HEC H . -7.48 -12.45 11.18
CBC HEC H . -6.71 -13.04 12.40
ND HEC H . -8.22 -7.30 9.35
C1D HEC H . -8.73 -8.04 10.31
C2D HEC H . -9.91 -7.47 11.01
C3D HEC H . -9.96 -6.12 10.49
C4D HEC H . -8.88 -6.18 9.49
CMD HEC H . -10.81 -8.05 12.10
CAD HEC H . -10.90 -4.99 10.87
CBD HEC H . -11.94 -4.56 9.84
CGD HEC H . -12.88 -5.74 9.43
O1D HEC H . -13.32 -5.64 8.30
O2D HEC H . -13.15 -6.63 10.22
FE HEC I . -7.97 -15.53 16.24
CHA HEC I . -5.85 -14.93 18.85
CHB HEC I . -10.36 -13.43 17.42
CHC HEC I . -9.28 -15.29 13.05
CHD HEC I . -6.49 -18.56 15.53
NA HEC I . -8.05 -14.34 17.92
C1A HEC I . -7.10 -14.17 18.79
C2A HEC I . -7.48 -13.16 19.76
C3A HEC I . -8.81 -12.82 19.39
C4A HEC I . -9.06 -13.53 18.14
CMA HEC I . -9.57 -11.66 20.07
CAA HEC I . -6.62 -12.58 20.83
CBA HEC I . -5.72 -11.68 19.85
CGA HEC I . -4.61 -10.73 20.46
O1A HEC I . -4.15 -11.13 21.54
O2A HEC I . -4.12 -9.72 19.84
NB HEC I . -9.48 -14.49 15.37
C1B HEC I . -10.34 -13.71 15.99
C2B HEC I . -11.32 -13.20 15.18
C3B HEC I . -11.01 -13.68 13.92
C4B HEC I . -9.87 -14.56 14.11
CMB HEC I . -12.42 -12.26 15.59
CAB HEC I . -11.68 -13.23 12.70
CBB HEC I . -11.13 -11.81 12.34
NC HEC I . -7.91 -16.73 14.61
C1C HEC I . -8.46 -16.46 13.38
C2C HEC I . -8.19 -17.52 12.40
C3C HEC I . -7.34 -18.41 13.15
C4C HEC I . -7.23 -17.89 14.49
CMC HEC I . -8.60 -17.57 10.97
CAC HEC I . -6.84 -19.83 12.68
CBC HEC I . -6.43 -19.96 11.18
ND HEC I . -6.48 -16.58 17.09
C1D HEC I . -5.95 -17.79 16.63
C2D HEC I . -4.86 -18.29 17.44
C3D HEC I . -4.68 -17.18 18.37
C4D HEC I . -5.75 -16.24 18.11
CMD HEC I . -3.99 -19.48 17.30
CAD HEC I . -3.57 -17.14 19.42
CBD HEC I . -3.90 -17.29 20.90
CGD HEC I . -4.63 -18.59 21.00
O1D HEC I . -5.85 -18.69 21.28
O2D HEC I . -3.87 -19.53 20.71
N NO J . -1.89 4.77 -1.38
O NO J . -1.82 6.01 -0.81
N NO2 K . -1.89 4.49 -1.38
O1 NO2 K . -1.09 4.60 -0.51
O2 NO2 K . -2.86 5.17 -1.72
CA CA L . 5.12 7.18 3.66
#